data_1FNO
#
_entry.id   1FNO
#
_cell.length_a   132.374
_cell.length_b   46.036
_cell.length_c   96.591
_cell.angle_alpha   90.00
_cell.angle_beta   116.11
_cell.angle_gamma   90.00
#
_symmetry.space_group_name_H-M   'C 1 2 1'
#
loop_
_entity.id
_entity.type
_entity.pdbx_description
1 polymer 'PEPTIDASE T'
2 non-polymer 'ZINC ION'
3 non-polymer 'SULFATE ION'
4 water water
#
_entity_poly.entity_id   1
_entity_poly.type   'polypeptide(L)'
_entity_poly.pdbx_seq_one_letter_code
;(MSE)DKLLERFLHYVSLDTQSKSGVRQVPSTEGQWKLLRLLKQQLEE(MSE)GLVNITLSEKGTL(MSE)ATLPANVEG
DIPAIGFISHVDTSPDFSGKNVNPQIVENYRGGDIALGIGDEVLSPV(MSE)FPVLHQLLGQTLITTDGKTLLGADDKAG
VAEI(MSE)TALAVLKGNPIPHGDIKVAFTPDEEVGKGAKHFDVEAFGAQWAYTVDGGGVGELEFENFNAASVNIKIVGN
NVHPGTAKGV(MSE)VNALSLAARIHAEVPADEAPETTEGYEGFYHLAS(MSE)KGTVDRAE(MSE)HYIIRDFDRKQFE
ARKRK(MSE)(MSE)EIAKKVGKGLHPDCYIELVIEDSYYN(MSE)REKVVEHPHILDIAQQA(MSE)RDCHITPE
(MSE)KPIRGGTDGAQLSF(MSE)GLPCPNLFTGGYNYHGKHEFVTLEG(MSE)EKAVQVIVRIAELTAKRGQLEHHHHH
H
;
_entity_poly.pdbx_strand_id   A
#
loop_
_chem_comp.id
_chem_comp.type
_chem_comp.name
_chem_comp.formula
SO4 non-polymer 'SULFATE ION' 'O4 S -2'
ZN non-polymer 'ZINC ION' 'Zn 2'
#
# COMPACT_ATOMS: atom_id res chain seq x y z
N MSE A 1 -6.75 -19.15 -18.97
CA MSE A 1 -6.59 -17.89 -18.18
C MSE A 1 -7.47 -16.78 -18.75
O MSE A 1 -7.02 -15.67 -19.07
CB MSE A 1 -5.13 -17.42 -18.21
CG MSE A 1 -4.87 -16.26 -17.26
SE MSE A 1 -3.83 -14.82 -18.03
CE MSE A 1 -2.06 -15.58 -17.72
N ASP A 2 -8.74 -17.10 -18.88
CA ASP A 2 -9.65 -16.13 -19.42
C ASP A 2 -10.45 -15.44 -18.33
N LYS A 3 -11.16 -14.41 -18.76
CA LYS A 3 -11.97 -13.58 -17.91
C LYS A 3 -11.13 -12.65 -17.03
N LEU A 4 -9.83 -12.56 -17.31
CA LEU A 4 -8.94 -11.68 -16.55
C LEU A 4 -9.49 -10.27 -16.77
N LEU A 5 -9.60 -9.89 -18.04
CA LEU A 5 -10.11 -8.58 -18.39
C LEU A 5 -11.51 -8.37 -17.85
N GLU A 6 -12.38 -9.33 -18.12
CA GLU A 6 -13.77 -9.28 -17.68
C GLU A 6 -13.90 -9.11 -16.17
N ARG A 7 -13.18 -9.94 -15.41
CA ARG A 7 -13.23 -9.81 -13.97
C ARG A 7 -12.76 -8.40 -13.60
N PHE A 8 -11.67 -7.96 -14.22
CA PHE A 8 -11.12 -6.64 -13.90
C PHE A 8 -12.16 -5.54 -14.09
N LEU A 9 -12.67 -5.39 -15.32
CA LEU A 9 -13.68 -4.37 -15.63
C LEU A 9 -14.91 -4.47 -14.71
N HIS A 10 -15.30 -5.70 -14.37
CA HIS A 10 -16.44 -5.91 -13.51
C HIS A 10 -16.16 -5.27 -12.17
N TYR A 11 -14.98 -5.52 -11.63
CA TYR A 11 -14.62 -4.97 -10.34
C TYR A 11 -14.45 -3.45 -10.42
N VAL A 12 -13.91 -2.98 -11.55
CA VAL A 12 -13.67 -1.55 -11.72
C VAL A 12 -15.01 -0.79 -11.73
N SER A 13 -16.05 -1.41 -12.27
CA SER A 13 -17.36 -0.79 -12.32
C SER A 13 -18.00 -0.58 -10.94
N LEU A 14 -17.48 -1.24 -9.91
CA LEU A 14 -18.05 -1.09 -8.57
C LEU A 14 -17.38 0.00 -7.76
N ASP A 15 -18.17 0.90 -7.18
CA ASP A 15 -17.61 1.98 -6.37
C ASP A 15 -17.21 1.38 -5.04
N THR A 16 -15.91 1.34 -4.78
CA THR A 16 -15.43 0.71 -3.56
C THR A 16 -14.53 1.62 -2.79
N GLN A 17 -14.64 2.91 -3.09
CA GLN A 17 -13.83 3.90 -2.40
C GLN A 17 -14.01 3.78 -0.91
N SER A 18 -12.89 3.91 -0.21
CA SER A 18 -12.82 3.87 1.24
C SER A 18 -13.19 5.26 1.85
N LYS A 19 -13.20 5.37 3.18
CA LYS A 19 -13.51 6.67 3.81
C LYS A 19 -12.71 6.84 5.09
N SER A 20 -11.92 7.92 5.14
CA SER A 20 -11.08 8.19 6.29
C SER A 20 -11.90 8.40 7.56
N GLY A 21 -11.27 8.15 8.69
CA GLY A 21 -11.91 8.36 9.96
C GLY A 21 -13.32 7.86 10.16
N VAL A 22 -13.52 6.57 9.89
CA VAL A 22 -14.81 5.96 10.13
C VAL A 22 -14.43 4.91 11.15
N ARG A 23 -15.35 4.56 12.02
CA ARG A 23 -15.05 3.57 13.03
C ARG A 23 -15.36 2.18 12.47
N GLN A 24 -16.44 2.10 11.69
CA GLN A 24 -16.86 0.84 11.11
C GLN A 24 -15.88 0.37 10.03
N VAL A 25 -15.63 -0.94 9.99
CA VAL A 25 -14.76 -1.57 9.00
C VAL A 25 -15.52 -2.75 8.37
N PRO A 26 -15.73 -2.73 7.04
CA PRO A 26 -15.31 -1.67 6.12
C PRO A 26 -16.03 -0.34 6.34
N SER A 27 -15.37 0.74 5.95
CA SER A 27 -15.88 2.08 6.11
C SER A 27 -17.00 2.44 5.15
N THR A 28 -17.16 1.71 4.06
CA THR A 28 -18.20 2.06 3.08
C THR A 28 -18.93 0.83 2.56
N GLU A 29 -20.21 0.99 2.26
CA GLU A 29 -21.01 -0.13 1.77
C GLU A 29 -20.49 -0.72 0.44
N GLY A 30 -20.03 0.15 -0.46
CA GLY A 30 -19.53 -0.30 -1.74
C GLY A 30 -18.55 -1.46 -1.64
N GLN A 31 -17.69 -1.43 -0.62
CA GLN A 31 -16.72 -2.48 -0.42
C GLN A 31 -17.38 -3.84 -0.18
N TRP A 32 -18.49 -3.83 0.56
CA TRP A 32 -19.23 -5.07 0.85
C TRP A 32 -19.85 -5.62 -0.43
N LYS A 33 -20.08 -4.73 -1.39
CA LYS A 33 -20.64 -5.12 -2.68
C LYS A 33 -19.64 -6.01 -3.41
N LEU A 34 -18.37 -5.58 -3.46
CA LEU A 34 -17.33 -6.32 -4.15
C LEU A 34 -16.94 -7.58 -3.40
N LEU A 35 -16.97 -7.51 -2.08
CA LEU A 35 -16.64 -8.65 -1.25
C LEU A 35 -17.67 -9.75 -1.44
N ARG A 36 -18.94 -9.36 -1.56
CA ARG A 36 -19.99 -10.35 -1.76
C ARG A 36 -19.86 -10.99 -3.15
N LEU A 37 -19.51 -10.18 -4.14
CA LEU A 37 -19.31 -10.68 -5.49
C LEU A 37 -18.15 -11.70 -5.49
N LEU A 38 -17.04 -11.33 -4.86
CA LEU A 38 -15.92 -12.23 -4.81
C LEU A 38 -16.32 -13.51 -4.11
N LYS A 39 -17.03 -13.37 -2.99
CA LYS A 39 -17.46 -14.53 -2.21
C LYS A 39 -18.20 -15.52 -3.09
N GLN A 40 -19.20 -15.02 -3.80
CA GLN A 40 -19.98 -15.86 -4.69
C GLN A 40 -19.09 -16.55 -5.74
N GLN A 41 -18.24 -15.76 -6.42
CA GLN A 41 -17.36 -16.30 -7.46
C GLN A 41 -16.43 -17.37 -6.89
N LEU A 42 -16.04 -17.25 -5.63
CA LEU A 42 -15.16 -18.25 -5.03
C LEU A 42 -15.91 -19.56 -4.83
N GLU A 43 -17.18 -19.44 -4.41
CA GLU A 43 -18.07 -20.59 -4.18
C GLU A 43 -18.22 -21.30 -5.51
N GLU A 44 -18.69 -20.57 -6.51
CA GLU A 44 -18.87 -21.13 -7.86
C GLU A 44 -17.59 -21.78 -8.37
N MSE A 45 -16.44 -21.22 -7.98
CA MSE A 45 -15.16 -21.74 -8.42
C MSE A 45 -14.91 -23.10 -7.78
O MSE A 45 -14.37 -24.00 -8.41
CB MSE A 45 -14.04 -20.77 -8.08
CG MSE A 45 -12.83 -20.88 -9.00
SE MSE A 45 -11.76 -19.24 -9.17
CE MSE A 45 -12.88 -18.20 -10.36
N GLY A 46 -15.34 -23.24 -6.53
CA GLY A 46 -15.17 -24.51 -5.86
C GLY A 46 -14.13 -24.48 -4.76
N LEU A 47 -13.73 -23.29 -4.32
CA LEU A 47 -12.76 -23.20 -3.25
C LEU A 47 -13.42 -23.69 -1.98
N VAL A 48 -12.61 -24.00 -0.99
CA VAL A 48 -13.13 -24.51 0.23
C VAL A 48 -12.83 -23.56 1.40
N ASN A 49 -13.57 -23.72 2.50
CA ASN A 49 -13.39 -22.90 3.69
C ASN A 49 -13.50 -21.40 3.44
N ILE A 50 -14.43 -21.03 2.57
CA ILE A 50 -14.68 -19.63 2.24
C ILE A 50 -15.42 -18.97 3.42
N THR A 51 -14.95 -17.80 3.85
CA THR A 51 -15.58 -17.08 4.97
C THR A 51 -15.40 -15.56 4.87
N LEU A 52 -16.46 -14.83 5.19
CA LEU A 52 -16.44 -13.37 5.16
C LEU A 52 -16.72 -12.91 6.57
N SER A 53 -15.71 -12.34 7.24
CA SER A 53 -15.86 -11.89 8.59
C SER A 53 -16.80 -10.68 8.69
N GLU A 54 -17.20 -10.38 9.93
CA GLU A 54 -18.06 -9.24 10.21
C GLU A 54 -17.29 -7.97 9.89
N LYS A 55 -15.96 -8.07 9.90
CA LYS A 55 -15.12 -6.92 9.57
C LYS A 55 -14.83 -6.80 8.07
N GLY A 56 -15.53 -7.62 7.28
CA GLY A 56 -15.36 -7.60 5.84
C GLY A 56 -14.12 -8.20 5.18
N THR A 57 -13.45 -9.13 5.85
CA THR A 57 -12.28 -9.77 5.23
C THR A 57 -12.69 -11.12 4.65
N LEU A 58 -12.44 -11.31 3.36
CA LEU A 58 -12.78 -12.55 2.64
C LEU A 58 -11.58 -13.52 2.58
N MSE A 59 -11.77 -14.77 3.02
CA MSE A 59 -10.72 -15.79 2.95
C MSE A 59 -11.25 -17.03 2.21
O MSE A 59 -12.47 -17.24 2.14
CB MSE A 59 -10.25 -16.17 4.36
CG MSE A 59 -9.84 -14.99 5.19
SE MSE A 59 -8.60 -15.40 6.64
CE MSE A 59 -9.40 -17.01 7.37
N ALA A 60 -10.34 -17.83 1.66
CA ALA A 60 -10.69 -19.03 0.90
C ALA A 60 -9.46 -19.88 0.61
N THR A 61 -9.69 -21.17 0.38
CA THR A 61 -8.61 -22.12 0.14
C THR A 61 -8.86 -23.00 -1.08
N LEU A 62 -7.83 -23.13 -1.92
CA LEU A 62 -7.85 -24.01 -3.09
C LEU A 62 -6.93 -25.14 -2.58
N PRO A 63 -7.49 -26.36 -2.42
CA PRO A 63 -6.71 -27.50 -1.93
C PRO A 63 -5.57 -27.99 -2.82
N ALA A 64 -4.60 -28.61 -2.19
CA ALA A 64 -3.48 -29.18 -2.89
C ALA A 64 -3.96 -30.06 -4.05
N ASN A 65 -3.19 -29.96 -5.13
CA ASN A 65 -3.35 -30.61 -6.42
C ASN A 65 -2.75 -32.01 -6.35
N VAL A 66 -1.67 -32.07 -5.57
CA VAL A 66 -0.87 -33.26 -5.45
C VAL A 66 -0.59 -33.52 -3.99
N GLU A 67 0.04 -34.66 -3.72
CA GLU A 67 0.38 -34.97 -2.36
C GLU A 67 1.82 -34.56 -2.14
N GLY A 68 2.26 -34.71 -0.89
CA GLY A 68 3.60 -34.36 -0.49
C GLY A 68 3.43 -33.34 0.61
N ASP A 69 4.48 -33.07 1.39
CA ASP A 69 4.38 -32.07 2.46
C ASP A 69 4.76 -30.68 1.91
N ILE A 70 3.78 -30.02 1.29
CA ILE A 70 3.99 -28.72 0.69
C ILE A 70 3.43 -27.58 1.56
N PRO A 71 4.24 -26.56 1.82
CA PRO A 71 3.71 -25.46 2.63
C PRO A 71 2.61 -24.68 1.93
N ALA A 72 1.56 -24.38 2.66
CA ALA A 72 0.45 -23.58 2.14
C ALA A 72 0.95 -22.13 1.97
N ILE A 73 0.66 -21.50 0.84
CA ILE A 73 1.08 -20.12 0.63
C ILE A 73 -0.16 -19.29 0.37
N GLY A 74 -0.04 -17.98 0.53
CA GLY A 74 -1.21 -17.14 0.32
C GLY A 74 -0.98 -15.92 -0.55
N PHE A 75 -2.08 -15.41 -1.08
CA PHE A 75 -2.09 -14.23 -1.93
C PHE A 75 -3.18 -13.32 -1.41
N ILE A 76 -2.80 -12.06 -1.23
CA ILE A 76 -3.66 -11.06 -0.66
C ILE A 76 -3.78 -9.80 -1.47
N SER A 77 -5.02 -9.33 -1.59
CA SER A 77 -5.39 -8.12 -2.28
C SER A 77 -6.39 -7.32 -1.44
N HIS A 78 -6.46 -6.01 -1.67
CA HIS A 78 -7.39 -5.19 -0.90
C HIS A 78 -8.46 -4.71 -1.84
N VAL A 79 -9.65 -4.57 -1.28
CA VAL A 79 -10.83 -4.26 -2.04
C VAL A 79 -11.24 -2.81 -2.29
N ASP A 80 -10.79 -1.90 -1.43
CA ASP A 80 -11.14 -0.49 -1.56
C ASP A 80 -10.19 0.32 -2.44
N THR A 81 -10.73 1.40 -3.01
CA THR A 81 -9.98 2.33 -3.84
C THR A 81 -9.80 3.64 -3.04
N SER A 82 -8.72 4.36 -3.35
CA SER A 82 -8.34 5.60 -2.67
C SER A 82 -9.39 6.70 -2.44
N PRO A 83 -9.35 7.33 -1.26
CA PRO A 83 -10.30 8.41 -0.98
C PRO A 83 -9.89 9.65 -1.79
N ASP A 84 -8.60 9.71 -2.13
CA ASP A 84 -8.02 10.83 -2.87
C ASP A 84 -8.59 11.18 -4.23
N PHE A 85 -9.49 10.37 -4.75
CA PHE A 85 -10.10 10.67 -6.04
C PHE A 85 -11.23 9.70 -6.17
N SER A 86 -12.24 10.01 -6.97
CA SER A 86 -13.37 9.10 -7.02
C SER A 86 -13.20 7.85 -7.89
N GLY A 87 -13.77 6.75 -7.38
CA GLY A 87 -13.75 5.47 -8.07
C GLY A 87 -15.21 5.12 -8.27
N LYS A 88 -15.99 6.20 -8.37
CA LYS A 88 -17.44 6.21 -8.51
C LYS A 88 -18.02 5.55 -9.76
N ASN A 89 -18.05 6.30 -10.85
CA ASN A 89 -18.59 5.80 -12.10
C ASN A 89 -17.46 5.72 -13.09
N VAL A 90 -16.48 4.89 -12.79
CA VAL A 90 -15.32 4.72 -13.66
C VAL A 90 -15.77 4.23 -15.05
N ASN A 91 -15.22 4.87 -16.09
CA ASN A 91 -15.52 4.52 -17.48
C ASN A 91 -14.16 4.20 -18.10
N PRO A 92 -13.77 2.93 -18.07
CA PRO A 92 -12.48 2.47 -18.62
C PRO A 92 -12.30 2.80 -20.11
N GLN A 93 -11.07 3.04 -20.48
CA GLN A 93 -10.73 3.35 -21.85
C GLN A 93 -9.69 2.32 -22.26
N ILE A 94 -10.00 1.51 -23.27
CA ILE A 94 -9.08 0.48 -23.74
C ILE A 94 -8.37 0.87 -25.03
N VAL A 95 -7.05 0.94 -24.97
CA VAL A 95 -6.23 1.34 -26.11
C VAL A 95 -5.43 0.15 -26.62
N GLU A 96 -5.90 -0.53 -27.66
CA GLU A 96 -5.13 -1.68 -28.15
C GLU A 96 -3.89 -1.25 -28.95
N ASN A 97 -2.83 -2.05 -28.88
CA ASN A 97 -1.58 -1.78 -29.58
C ASN A 97 -1.18 -0.32 -29.49
N TYR A 98 -1.04 0.19 -28.28
CA TYR A 98 -0.62 1.56 -28.04
C TYR A 98 0.63 1.85 -28.86
N ARG A 99 0.58 2.88 -29.68
CA ARG A 99 1.73 3.21 -30.51
C ARG A 99 2.68 4.26 -29.93
N GLY A 100 2.38 4.79 -28.74
CA GLY A 100 3.27 5.78 -28.14
C GLY A 100 2.84 7.25 -28.14
N GLY A 101 1.64 7.57 -28.59
CA GLY A 101 1.24 8.96 -28.57
C GLY A 101 0.70 9.41 -27.22
N ASP A 102 -0.09 10.49 -27.24
CA ASP A 102 -0.70 11.00 -26.03
C ASP A 102 -2.06 10.34 -26.00
N ILE A 103 -2.54 9.96 -24.83
CA ILE A 103 -3.87 9.36 -24.82
C ILE A 103 -4.90 10.37 -24.31
N ALA A 104 -5.91 10.61 -25.13
CA ALA A 104 -6.98 11.52 -24.77
C ALA A 104 -7.83 10.78 -23.75
N LEU A 105 -8.12 11.42 -22.63
CA LEU A 105 -8.96 10.78 -21.62
C LEU A 105 -10.35 11.37 -21.74
N GLY A 106 -11.33 10.54 -22.14
CA GLY A 106 -12.69 11.03 -22.29
C GLY A 106 -12.78 12.26 -23.19
N ILE A 107 -13.97 12.87 -23.25
CA ILE A 107 -14.19 14.07 -24.07
C ILE A 107 -13.87 15.28 -23.21
N GLY A 108 -12.78 15.97 -23.51
CA GLY A 108 -12.42 17.13 -22.73
C GLY A 108 -10.92 17.32 -22.67
N ASP A 109 -10.46 18.33 -21.93
CA ASP A 109 -9.04 18.64 -21.82
C ASP A 109 -8.36 17.77 -20.76
N GLU A 110 -8.09 16.52 -21.12
CA GLU A 110 -7.46 15.54 -20.23
C GLU A 110 -6.61 14.61 -21.05
N VAL A 111 -5.38 14.38 -20.59
CA VAL A 111 -4.48 13.53 -21.35
C VAL A 111 -3.46 12.69 -20.57
N LEU A 112 -3.26 11.47 -21.05
CA LEU A 112 -2.26 10.57 -20.47
C LEU A 112 -1.10 10.86 -21.42
N SER A 113 -0.01 11.44 -20.92
CA SER A 113 1.09 11.78 -21.83
C SER A 113 2.45 11.23 -21.49
N PRO A 114 3.12 10.67 -22.51
CA PRO A 114 4.45 10.09 -22.35
C PRO A 114 5.47 11.15 -21.94
N VAL A 115 5.14 12.42 -22.20
CA VAL A 115 6.04 13.50 -21.82
C VAL A 115 6.02 13.55 -20.31
N MSE A 116 4.81 13.52 -19.75
CA MSE A 116 4.62 13.57 -18.30
C MSE A 116 4.90 12.21 -17.64
O MSE A 116 5.26 12.15 -16.46
CB MSE A 116 3.19 14.01 -17.98
CG MSE A 116 2.98 14.35 -16.52
SE MSE A 116 1.13 14.82 -16.15
CE MSE A 116 0.84 16.03 -17.65
N PHE A 117 4.71 11.12 -18.39
CA PHE A 117 4.94 9.78 -17.86
C PHE A 117 5.78 8.96 -18.85
N PRO A 118 7.11 9.11 -18.78
CA PRO A 118 8.05 8.40 -19.67
C PRO A 118 7.87 6.88 -19.75
N VAL A 119 7.17 6.32 -18.76
CA VAL A 119 6.96 4.87 -18.70
C VAL A 119 6.28 4.37 -19.94
N LEU A 120 5.39 5.19 -20.50
CA LEU A 120 4.65 4.82 -21.69
C LEU A 120 5.54 4.39 -22.84
N HIS A 121 6.71 5.00 -22.95
CA HIS A 121 7.58 4.64 -24.05
C HIS A 121 8.21 3.28 -23.82
N GLN A 122 7.90 2.73 -22.65
CA GLN A 122 8.36 1.41 -22.26
C GLN A 122 7.22 0.42 -22.46
N LEU A 123 6.07 0.91 -22.94
CA LEU A 123 4.92 0.02 -23.13
C LEU A 123 4.38 -0.01 -24.57
N LEU A 124 5.24 0.28 -25.54
CA LEU A 124 4.79 0.29 -26.93
C LEU A 124 4.27 -1.09 -27.25
N GLY A 125 3.20 -1.14 -28.05
CA GLY A 125 2.65 -2.40 -28.45
C GLY A 125 1.57 -2.99 -27.58
N GLN A 126 1.55 -2.62 -26.30
CA GLN A 126 0.57 -3.16 -25.36
C GLN A 126 -0.81 -2.53 -25.35
N THR A 127 -1.75 -3.21 -24.69
CA THR A 127 -3.12 -2.75 -24.55
C THR A 127 -3.23 -1.95 -23.25
N LEU A 128 -3.52 -0.67 -23.34
CA LEU A 128 -3.63 0.14 -22.13
C LEU A 128 -5.05 0.32 -21.74
N ILE A 129 -5.29 0.29 -20.44
CA ILE A 129 -6.63 0.53 -19.92
C ILE A 129 -6.50 1.78 -19.05
N THR A 130 -7.16 2.86 -19.46
CA THR A 130 -7.11 4.13 -18.74
C THR A 130 -8.47 4.57 -18.24
N THR A 131 -8.51 5.76 -17.66
CA THR A 131 -9.77 6.31 -17.16
C THR A 131 -10.29 7.27 -18.22
N ASP A 132 -11.44 7.91 -17.96
CA ASP A 132 -12.00 8.88 -18.89
C ASP A 132 -11.42 10.23 -18.47
N GLY A 133 -10.64 10.22 -17.40
CA GLY A 133 -10.02 11.43 -16.89
C GLY A 133 -10.82 12.08 -15.76
N LYS A 134 -12.00 11.52 -15.51
CA LYS A 134 -12.90 12.03 -14.46
C LYS A 134 -12.81 11.25 -13.14
N THR A 135 -11.97 10.20 -13.09
CA THR A 135 -11.85 9.38 -11.88
C THR A 135 -10.56 8.58 -11.82
N LEU A 136 -10.52 7.71 -10.81
CA LEU A 136 -9.44 6.75 -10.58
C LEU A 136 -9.76 5.59 -11.53
N LEU A 137 -8.91 4.58 -11.56
CA LEU A 137 -9.17 3.42 -12.39
C LEU A 137 -9.54 2.31 -11.44
N GLY A 138 -8.73 2.13 -10.39
CA GLY A 138 -8.96 1.07 -9.45
C GLY A 138 -7.98 -0.07 -9.66
N ALA A 139 -7.04 0.09 -10.61
CA ALA A 139 -6.04 -0.94 -10.90
C ALA A 139 -5.45 -1.32 -9.55
N ASP A 140 -5.29 -0.31 -8.72
CA ASP A 140 -4.81 -0.46 -7.35
C ASP A 140 -6.09 -0.46 -6.53
N ASP A 141 -6.48 -1.61 -6.00
CA ASP A 141 -5.79 -2.87 -6.12
C ASP A 141 -6.74 -3.92 -6.79
N LYS A 142 -7.64 -3.46 -7.64
CA LYS A 142 -8.57 -4.40 -8.32
C LYS A 142 -7.90 -5.23 -9.42
N ALA A 143 -6.71 -4.83 -9.87
CA ALA A 143 -6.01 -5.61 -10.87
C ALA A 143 -5.47 -6.83 -10.11
N GLY A 144 -5.02 -6.60 -8.88
CA GLY A 144 -4.50 -7.65 -8.02
C GLY A 144 -5.58 -8.68 -7.66
N VAL A 145 -6.76 -8.16 -7.37
CA VAL A 145 -7.88 -9.01 -7.04
C VAL A 145 -8.17 -9.87 -8.28
N ALA A 146 -8.27 -9.22 -9.45
CA ALA A 146 -8.54 -9.94 -10.69
C ALA A 146 -7.46 -11.00 -10.99
N GLU A 147 -6.18 -10.61 -10.83
CA GLU A 147 -5.03 -11.50 -11.06
C GLU A 147 -5.05 -12.70 -10.12
N ILE A 148 -5.42 -12.49 -8.85
CA ILE A 148 -5.46 -13.63 -7.92
C ILE A 148 -6.58 -14.58 -8.32
N MSE A 149 -7.74 -13.99 -8.56
CA MSE A 149 -8.95 -14.71 -8.93
C MSE A 149 -8.68 -15.55 -10.19
O MSE A 149 -9.07 -16.73 -10.29
CB MSE A 149 -10.06 -13.69 -9.19
CG MSE A 149 -11.37 -14.02 -8.55
SE MSE A 149 -11.43 -14.47 -6.64
CE MSE A 149 -13.20 -15.25 -6.79
N THR A 150 -7.99 -14.92 -11.13
CA THR A 150 -7.61 -15.54 -12.38
C THR A 150 -6.56 -16.65 -12.22
N ALA A 151 -5.57 -16.41 -11.39
CA ALA A 151 -4.55 -17.38 -11.12
C ALA A 151 -5.23 -18.62 -10.52
N LEU A 152 -6.26 -18.42 -9.71
CA LEU A 152 -6.94 -19.58 -9.13
C LEU A 152 -7.70 -20.34 -10.22
N ALA A 153 -8.31 -19.62 -11.16
CA ALA A 153 -9.04 -20.34 -12.20
C ALA A 153 -8.03 -21.19 -12.97
N VAL A 154 -6.86 -20.62 -13.25
CA VAL A 154 -5.84 -21.33 -14.00
C VAL A 154 -5.30 -22.55 -13.23
N LEU A 155 -5.07 -22.41 -11.93
CA LEU A 155 -4.56 -23.51 -11.14
C LEU A 155 -5.58 -24.64 -11.03
N LYS A 156 -6.86 -24.28 -10.93
CA LYS A 156 -7.89 -25.29 -10.81
C LYS A 156 -8.22 -25.95 -12.15
N GLY A 157 -8.19 -25.21 -13.25
CA GLY A 157 -8.51 -25.83 -14.53
C GLY A 157 -7.36 -26.29 -15.42
N ASN A 158 -6.16 -26.51 -14.88
CA ASN A 158 -5.05 -26.95 -15.72
C ASN A 158 -4.12 -27.93 -15.02
N PRO A 159 -3.33 -28.69 -15.81
CA PRO A 159 -2.39 -29.65 -15.21
C PRO A 159 -1.13 -28.97 -14.64
N ILE A 160 -1.33 -28.24 -13.55
CA ILE A 160 -0.27 -27.52 -12.86
C ILE A 160 -0.29 -27.97 -11.41
N PRO A 161 0.75 -28.65 -10.96
CA PRO A 161 0.80 -29.11 -9.56
C PRO A 161 0.93 -27.95 -8.56
N HIS A 162 0.26 -28.07 -7.41
CA HIS A 162 0.30 -27.05 -6.38
C HIS A 162 -0.18 -27.52 -5.03
N GLY A 163 0.33 -26.90 -3.98
CA GLY A 163 -0.12 -27.26 -2.65
C GLY A 163 -1.35 -26.42 -2.35
N ASP A 164 -1.67 -26.25 -1.07
CA ASP A 164 -2.81 -25.42 -0.72
C ASP A 164 -2.51 -23.96 -1.00
N ILE A 165 -3.51 -23.27 -1.52
CA ILE A 165 -3.36 -21.86 -1.80
C ILE A 165 -4.44 -21.09 -1.04
N LYS A 166 -4.01 -20.18 -0.17
CA LYS A 166 -4.91 -19.35 0.60
C LYS A 166 -4.99 -17.98 -0.05
N VAL A 167 -6.21 -17.44 -0.16
CA VAL A 167 -6.40 -16.12 -0.72
C VAL A 167 -7.25 -15.28 0.25
N ALA A 168 -6.98 -13.98 0.26
CA ALA A 168 -7.69 -13.06 1.12
C ALA A 168 -7.88 -11.75 0.37
N PHE A 169 -8.98 -11.10 0.68
CA PHE A 169 -9.32 -9.82 0.07
C PHE A 169 -9.76 -8.95 1.23
N THR A 170 -8.97 -7.93 1.51
CA THR A 170 -9.18 -7.04 2.63
C THR A 170 -9.84 -5.70 2.27
N PRO A 171 -10.55 -5.12 3.24
CA PRO A 171 -11.30 -3.86 3.19
C PRO A 171 -10.75 -2.43 3.19
N ASP A 172 -10.12 -1.95 4.25
CA ASP A 172 -9.71 -0.53 4.22
C ASP A 172 -8.22 -0.28 4.14
N GLU A 173 -7.57 -0.92 3.17
CA GLU A 173 -6.16 -0.76 3.05
C GLU A 173 -5.84 0.72 2.89
N GLU A 174 -6.60 1.40 2.05
CA GLU A 174 -6.34 2.82 1.82
C GLU A 174 -6.43 3.72 3.06
N VAL A 175 -7.21 3.31 4.04
CA VAL A 175 -7.37 4.13 5.23
C VAL A 175 -6.67 3.51 6.40
N GLY A 176 -5.63 2.71 6.11
CA GLY A 176 -4.86 2.09 7.16
C GLY A 176 -5.39 0.93 7.98
N LYS A 177 -6.56 0.41 7.64
CA LYS A 177 -7.15 -0.69 8.40
C LYS A 177 -6.96 -2.09 7.74
N GLY A 178 -6.23 -2.13 6.62
CA GLY A 178 -6.02 -3.37 5.89
C GLY A 178 -5.65 -4.65 6.61
N ALA A 179 -4.77 -4.55 7.60
CA ALA A 179 -4.33 -5.72 8.34
C ALA A 179 -4.80 -5.73 9.80
N LYS A 180 -5.52 -4.70 10.23
CA LYS A 180 -6.01 -4.62 11.61
C LYS A 180 -6.68 -5.90 12.12
N HIS A 181 -7.73 -6.32 11.45
CA HIS A 181 -8.48 -7.50 11.85
C HIS A 181 -8.14 -8.76 11.07
N PHE A 182 -6.93 -8.81 10.50
CA PHE A 182 -6.55 -9.98 9.73
C PHE A 182 -6.23 -11.18 10.64
N ASP A 183 -7.05 -12.23 10.52
CA ASP A 183 -6.93 -13.45 11.30
C ASP A 183 -5.84 -14.37 10.72
N VAL A 184 -4.58 -14.05 10.95
CA VAL A 184 -3.55 -14.91 10.35
C VAL A 184 -3.69 -16.39 10.73
N GLU A 185 -4.23 -16.66 11.91
CA GLU A 185 -4.41 -18.03 12.36
C GLU A 185 -5.39 -18.79 11.44
N ALA A 186 -6.53 -18.18 11.16
CA ALA A 186 -7.53 -18.78 10.30
C ALA A 186 -7.00 -18.89 8.87
N PHE A 187 -6.27 -17.89 8.41
CA PHE A 187 -5.72 -17.88 7.07
C PHE A 187 -4.93 -19.17 6.81
N GLY A 188 -4.11 -19.54 7.78
CA GLY A 188 -3.32 -20.75 7.68
C GLY A 188 -2.28 -20.83 6.57
N ALA A 189 -1.57 -19.73 6.31
CA ALA A 189 -0.54 -19.70 5.28
C ALA A 189 0.86 -19.63 5.88
N GLN A 190 1.78 -20.46 5.40
CA GLN A 190 3.14 -20.41 5.92
C GLN A 190 3.75 -19.03 5.64
N TRP A 191 3.52 -18.50 4.43
CA TRP A 191 3.95 -17.15 4.05
C TRP A 191 3.02 -16.76 2.93
N ALA A 192 3.01 -15.47 2.60
CA ALA A 192 2.17 -14.93 1.56
C ALA A 192 2.81 -13.77 0.81
N TYR A 193 2.06 -13.25 -0.15
CA TYR A 193 2.47 -12.11 -0.94
C TYR A 193 1.23 -11.26 -1.13
N THR A 194 1.42 -9.94 -1.11
CA THR A 194 0.33 -9.07 -1.44
C THR A 194 0.54 -8.82 -2.95
N VAL A 195 -0.54 -8.77 -3.72
CA VAL A 195 -0.46 -8.52 -5.15
C VAL A 195 -0.96 -7.08 -5.23
N ASP A 196 -0.11 -6.19 -4.74
CA ASP A 196 -0.46 -4.78 -4.66
C ASP A 196 0.74 -3.86 -5.01
N GLY A 197 1.55 -4.30 -5.97
CA GLY A 197 2.73 -3.55 -6.39
C GLY A 197 2.50 -2.81 -7.71
N GLY A 198 3.57 -2.23 -8.26
CA GLY A 198 3.44 -1.50 -9.50
C GLY A 198 3.69 -2.26 -10.80
N GLY A 199 4.53 -1.70 -11.66
CA GLY A 199 4.84 -2.32 -12.94
C GLY A 199 5.45 -3.70 -12.95
N VAL A 200 5.41 -4.32 -14.12
CA VAL A 200 5.93 -5.65 -14.31
C VAL A 200 7.36 -5.77 -13.80
N GLY A 201 7.61 -6.76 -12.96
CA GLY A 201 8.95 -6.93 -12.44
C GLY A 201 9.12 -6.56 -10.99
N GLU A 202 8.29 -5.63 -10.52
CA GLU A 202 8.33 -5.16 -9.14
C GLU A 202 8.15 -6.26 -8.11
N LEU A 203 9.03 -6.29 -7.12
CA LEU A 203 9.00 -7.25 -6.02
C LEU A 203 9.51 -6.38 -4.88
N GLU A 204 8.72 -6.22 -3.82
CA GLU A 204 9.15 -5.37 -2.71
C GLU A 204 9.12 -6.12 -1.37
N PHE A 205 10.16 -5.95 -0.59
CA PHE A 205 10.32 -6.58 0.72
C PHE A 205 11.03 -5.66 1.76
N GLU A 206 11.18 -4.39 1.44
CA GLU A 206 11.79 -3.42 2.34
C GLU A 206 10.88 -2.20 2.38
N ASN A 207 10.50 -1.78 3.59
CA ASN A 207 9.65 -0.59 3.78
C ASN A 207 10.16 0.22 4.97
N PHE A 208 9.72 1.47 5.07
CA PHE A 208 10.08 2.39 6.15
C PHE A 208 9.71 1.91 7.57
N ASN A 209 10.44 2.41 8.55
CA ASN A 209 10.08 2.18 9.94
C ASN A 209 9.32 3.51 10.11
N ALA A 210 8.13 3.49 10.72
CA ALA A 210 7.41 4.76 10.81
C ALA A 210 6.91 5.16 12.19
N ALA A 211 6.94 6.46 12.42
CA ALA A 211 6.49 6.97 13.68
C ALA A 211 5.93 8.37 13.53
N SER A 212 5.03 8.71 14.42
CA SER A 212 4.46 10.04 14.42
C SER A 212 5.02 10.67 15.69
N VAL A 213 5.27 11.97 15.61
CA VAL A 213 5.76 12.74 16.73
C VAL A 213 4.82 13.94 16.87
N ASN A 214 4.03 13.92 17.93
CA ASN A 214 3.11 15.03 18.18
C ASN A 214 3.71 15.90 19.27
N ILE A 215 3.61 17.20 19.05
CA ILE A 215 4.15 18.18 19.97
C ILE A 215 3.04 19.13 20.43
N LYS A 216 2.90 19.29 21.76
CA LYS A 216 1.91 20.17 22.35
C LYS A 216 2.70 21.27 23.02
N ILE A 217 2.46 22.50 22.60
CA ILE A 217 3.17 23.63 23.16
C ILE A 217 2.21 24.54 23.90
N VAL A 218 2.54 24.81 25.16
CA VAL A 218 1.73 25.67 25.99
C VAL A 218 2.53 26.93 26.27
N GLY A 219 2.02 28.06 25.80
CA GLY A 219 2.68 29.33 26.01
C GLY A 219 1.91 30.16 27.02
N ASN A 220 2.02 31.48 26.90
CA ASN A 220 1.33 32.36 27.82
C ASN A 220 0.88 33.64 27.12
N ASN A 221 -0.42 33.76 26.90
CA ASN A 221 -0.93 34.95 26.23
C ASN A 221 -1.32 36.06 27.21
N VAL A 222 -1.29 37.29 26.73
CA VAL A 222 -1.60 38.48 27.52
C VAL A 222 -1.76 39.59 26.49
N HIS A 223 -2.41 40.71 26.85
CA HIS A 223 -2.54 41.78 25.87
C HIS A 223 -1.11 42.12 25.47
N PRO A 224 -0.88 42.28 24.16
CA PRO A 224 0.46 42.58 23.63
C PRO A 224 1.16 43.84 24.10
N GLY A 225 0.41 44.93 24.29
CA GLY A 225 0.98 46.20 24.74
C GLY A 225 1.74 46.10 26.05
N THR A 226 1.38 45.12 26.88
CA THR A 226 2.05 44.94 28.17
C THR A 226 2.44 43.48 28.37
N ALA A 227 3.23 42.94 27.45
CA ALA A 227 3.63 41.54 27.54
C ALA A 227 5.11 41.31 27.95
N LYS A 228 5.87 42.40 28.07
CA LYS A 228 7.29 42.36 28.42
C LYS A 228 7.55 41.37 29.55
N GLY A 229 8.44 40.41 29.29
CA GLY A 229 8.81 39.41 30.27
C GLY A 229 7.67 38.63 30.88
N VAL A 230 6.49 38.71 30.26
CA VAL A 230 5.35 37.99 30.78
C VAL A 230 4.78 37.01 29.75
N MSE A 231 4.63 37.49 28.53
CA MSE A 231 4.09 36.71 27.42
C MSE A 231 5.05 35.65 26.88
O MSE A 231 6.19 35.95 26.58
CB MSE A 231 3.74 37.67 26.25
CG MSE A 231 3.10 36.99 25.03
SE MSE A 231 3.11 38.09 23.42
CE MSE A 231 4.07 36.87 22.31
N VAL A 232 4.56 34.41 26.77
CA VAL A 232 5.36 33.29 26.21
C VAL A 232 4.70 32.91 24.88
N ASN A 233 5.23 33.36 23.75
CA ASN A 233 4.59 33.04 22.47
C ASN A 233 4.85 31.61 22.01
N ALA A 234 3.81 30.79 22.05
CA ALA A 234 3.89 29.37 21.67
C ALA A 234 4.26 29.11 20.20
N LEU A 235 3.86 30.00 19.31
CA LEU A 235 4.14 29.85 17.91
C LEU A 235 5.62 30.12 17.67
N SER A 236 6.18 31.00 18.49
CA SER A 236 7.58 31.33 18.36
C SER A 236 8.39 30.12 18.76
N LEU A 237 7.85 29.30 19.63
CA LEU A 237 8.58 28.09 20.00
C LEU A 237 8.42 27.08 18.85
N ALA A 238 7.22 26.98 18.28
CA ALA A 238 6.98 26.05 17.19
C ALA A 238 7.96 26.35 16.07
N ALA A 239 8.01 27.61 15.65
CA ALA A 239 8.93 27.96 14.58
C ALA A 239 10.36 27.64 14.95
N ARG A 240 10.75 27.85 16.21
CA ARG A 240 12.12 27.58 16.61
C ARG A 240 12.45 26.09 16.55
N ILE A 241 11.45 25.24 16.82
CA ILE A 241 11.62 23.77 16.76
C ILE A 241 11.80 23.34 15.30
N HIS A 242 10.91 23.82 14.44
CA HIS A 242 10.97 23.46 13.04
C HIS A 242 12.22 24.01 12.37
N ALA A 243 12.75 25.11 12.92
CA ALA A 243 13.96 25.73 12.40
C ALA A 243 15.14 24.79 12.59
N GLU A 244 15.06 23.98 13.64
CA GLU A 244 16.11 23.03 13.96
C GLU A 244 16.03 21.68 13.23
N VAL A 245 14.92 21.45 12.51
CA VAL A 245 14.75 20.20 11.79
C VAL A 245 15.37 20.35 10.40
N PRO A 246 16.26 19.40 10.04
CA PRO A 246 17.00 19.34 8.77
C PRO A 246 16.20 19.49 7.48
N ALA A 247 16.26 20.66 6.86
CA ALA A 247 15.54 20.88 5.60
C ALA A 247 16.08 20.02 4.45
N ASP A 248 17.23 19.40 4.65
CA ASP A 248 17.83 18.57 3.60
C ASP A 248 17.32 17.13 3.78
N GLU A 249 16.90 16.83 5.01
CA GLU A 249 16.34 15.53 5.37
C GLU A 249 14.81 15.64 5.47
N ALA A 250 14.18 16.05 4.37
CA ALA A 250 12.74 16.24 4.23
C ALA A 250 12.22 15.55 2.95
N PRO A 251 10.91 15.25 2.89
CA PRO A 251 10.33 14.60 1.71
C PRO A 251 10.69 15.24 0.36
N GLU A 252 10.74 16.57 0.33
CA GLU A 252 11.05 17.32 -0.89
C GLU A 252 12.47 17.13 -1.34
N THR A 253 13.31 16.55 -0.47
CA THR A 253 14.72 16.40 -0.79
C THR A 253 15.35 15.03 -0.54
N THR A 254 14.52 13.99 -0.45
CA THR A 254 15.02 12.65 -0.23
C THR A 254 14.47 11.71 -1.33
N GLU A 255 15.15 10.58 -1.48
CA GLU A 255 14.81 9.61 -2.52
C GLU A 255 15.35 8.28 -2.06
N GLY A 256 14.99 7.23 -2.81
CA GLY A 256 15.47 5.89 -2.51
C GLY A 256 15.57 5.41 -1.08
N TYR A 257 16.79 5.33 -0.53
CA TYR A 257 17.00 4.85 0.84
C TYR A 257 17.21 5.89 1.94
N GLU A 258 17.01 7.17 1.65
CA GLU A 258 17.21 8.18 2.70
C GLU A 258 15.97 8.52 3.55
N GLY A 259 16.09 8.40 4.87
CA GLY A 259 14.98 8.71 5.76
C GLY A 259 14.62 10.19 5.82
N PHE A 260 13.70 10.58 6.70
CA PHE A 260 13.34 12.00 6.79
C PHE A 260 12.42 12.38 7.95
N TYR A 261 12.29 13.70 8.17
CA TYR A 261 11.39 14.24 9.19
C TYR A 261 10.46 15.02 8.33
N HIS A 262 9.18 15.04 8.68
CA HIS A 262 8.25 15.81 7.89
C HIS A 262 7.20 16.43 8.79
N LEU A 263 6.94 17.72 8.60
CA LEU A 263 5.95 18.42 9.38
C LEU A 263 4.64 18.35 8.57
N ALA A 264 3.73 17.50 9.03
CA ALA A 264 2.46 17.31 8.34
C ALA A 264 1.53 18.52 8.57
N SER A 265 1.41 18.95 9.82
CA SER A 265 0.54 20.07 10.07
C SER A 265 0.87 20.72 11.41
N MSE A 266 0.40 21.94 11.57
CA MSE A 266 0.61 22.69 12.79
C MSE A 266 -0.44 23.78 12.86
O MSE A 266 -0.81 24.35 11.83
CB MSE A 266 2.01 23.30 12.79
CG MSE A 266 2.03 24.79 12.71
SE MSE A 266 3.82 25.38 12.98
CE MSE A 266 4.27 25.91 11.17
N LYS A 267 -0.88 24.08 14.07
CA LYS A 267 -1.91 25.08 14.32
C LYS A 267 -1.65 25.67 15.71
N GLY A 268 -1.86 26.97 15.86
CA GLY A 268 -1.67 27.53 17.18
C GLY A 268 -1.96 29.01 17.30
N THR A 269 -1.94 29.45 18.56
CA THR A 269 -2.14 30.84 18.92
C THR A 269 -1.02 31.13 19.90
N VAL A 270 -0.99 32.35 20.42
CA VAL A 270 0.04 32.70 21.38
C VAL A 270 -0.01 31.78 22.59
N ASP A 271 -1.23 31.40 23.00
CA ASP A 271 -1.40 30.53 24.17
C ASP A 271 -1.10 29.04 23.97
N ARG A 272 -1.36 28.53 22.78
CA ARG A 272 -1.11 27.12 22.54
C ARG A 272 -0.84 26.85 21.07
N ALA A 273 -0.06 25.81 20.82
CA ALA A 273 0.22 25.42 19.45
C ALA A 273 0.43 23.91 19.40
N GLU A 274 0.24 23.32 18.24
CA GLU A 274 0.43 21.88 18.11
C GLU A 274 1.06 21.56 16.77
N MSE A 275 1.95 20.58 16.78
CA MSE A 275 2.64 20.16 15.56
C MSE A 275 2.55 18.64 15.41
O MSE A 275 2.67 17.89 16.39
CB MSE A 275 4.11 20.59 15.64
CG MSE A 275 4.34 22.01 16.09
SE MSE A 275 6.27 22.35 16.30
CE MSE A 275 6.65 23.12 14.54
N HIS A 276 2.36 18.20 14.18
CA HIS A 276 2.24 16.79 13.87
C HIS A 276 3.36 16.47 12.89
N TYR A 277 4.40 15.80 13.39
CA TYR A 277 5.57 15.42 12.60
C TYR A 277 5.58 13.92 12.29
N ILE A 278 6.18 13.54 11.18
CA ILE A 278 6.34 12.10 10.91
C ILE A 278 7.81 11.90 10.65
N ILE A 279 8.26 10.69 10.98
CA ILE A 279 9.63 10.24 10.85
C ILE A 279 9.66 8.89 10.09
N ARG A 280 10.38 8.87 8.97
CA ARG A 280 10.51 7.65 8.17
C ARG A 280 11.99 7.25 8.03
N ASP A 281 12.28 5.98 8.23
CA ASP A 281 13.64 5.52 8.08
C ASP A 281 13.78 4.00 7.93
N PHE A 282 14.44 3.58 6.86
CA PHE A 282 14.65 2.14 6.57
C PHE A 282 15.49 1.46 7.62
N ASP A 283 16.40 2.21 8.23
CA ASP A 283 17.28 1.65 9.25
C ASP A 283 16.70 1.78 10.65
N ARG A 284 16.61 0.70 11.41
CA ARG A 284 16.06 0.79 12.75
C ARG A 284 16.88 1.70 13.68
N LYS A 285 18.20 1.70 13.51
CA LYS A 285 19.04 2.56 14.34
C LYS A 285 18.80 4.04 14.03
N GLN A 286 18.94 4.42 12.77
CA GLN A 286 18.75 5.80 12.36
C GLN A 286 17.29 6.28 12.58
N PHE A 287 16.41 5.33 12.87
CA PHE A 287 15.01 5.62 13.11
C PHE A 287 14.96 6.09 14.57
N GLU A 288 15.73 5.40 15.39
CA GLU A 288 15.83 5.73 16.80
C GLU A 288 16.52 7.07 16.91
N ALA A 289 17.60 7.21 16.16
CA ALA A 289 18.37 8.45 16.14
C ALA A 289 17.41 9.60 15.84
N ARG A 290 16.48 9.37 14.92
CA ARG A 290 15.55 10.40 14.52
C ARG A 290 14.58 10.82 15.61
N LYS A 291 14.20 9.88 16.47
CA LYS A 291 13.31 10.20 17.57
C LYS A 291 14.14 11.10 18.48
N ARG A 292 15.32 10.59 18.89
CA ARG A 292 16.25 11.33 19.78
C ARG A 292 16.39 12.77 19.33
N LYS A 293 16.74 12.95 18.06
CA LYS A 293 16.91 14.26 17.48
C LYS A 293 15.74 15.20 17.79
N MSE A 294 14.51 14.71 17.58
CA MSE A 294 13.32 15.54 17.83
C MSE A 294 13.23 15.90 19.31
O MSE A 294 13.07 17.07 19.65
CB MSE A 294 12.03 14.81 17.41
CG MSE A 294 11.82 14.61 15.91
SE MSE A 294 11.82 16.24 14.84
CE MSE A 294 10.37 17.20 15.72
N MSE A 295 13.32 14.90 20.18
CA MSE A 295 13.25 15.14 21.61
C MSE A 295 14.33 16.15 21.98
O MSE A 295 14.11 17.08 22.78
CB MSE A 295 13.49 13.85 22.38
CG MSE A 295 12.52 12.76 22.03
SE MSE A 295 12.94 11.15 23.00
CE MSE A 295 14.02 10.26 21.69
N GLU A 296 15.51 15.99 21.39
CA GLU A 296 16.62 16.88 21.66
C GLU A 296 16.30 18.29 21.24
N ILE A 297 15.81 18.44 20.02
CA ILE A 297 15.45 19.74 19.50
C ILE A 297 14.45 20.38 20.46
N ALA A 298 13.50 19.58 20.91
CA ALA A 298 12.47 20.07 21.81
C ALA A 298 13.10 20.64 23.08
N LYS A 299 13.96 19.85 23.73
CA LYS A 299 14.62 20.32 24.94
C LYS A 299 15.21 21.69 24.73
N LYS A 300 16.07 21.81 23.72
CA LYS A 300 16.70 23.08 23.42
C LYS A 300 15.71 24.25 23.51
N VAL A 301 14.69 24.23 22.66
CA VAL A 301 13.68 25.28 22.65
C VAL A 301 12.96 25.39 24.00
N GLY A 302 12.93 24.30 24.76
CA GLY A 302 12.26 24.35 26.05
C GLY A 302 13.16 24.91 27.14
N LYS A 303 14.27 25.53 26.71
CA LYS A 303 15.26 26.16 27.59
C LYS A 303 14.76 26.42 29.02
N GLY A 304 14.33 27.66 29.28
CA GLY A 304 13.84 28.03 30.60
C GLY A 304 12.50 28.73 30.49
N LEU A 305 11.44 27.96 30.67
CA LEU A 305 10.08 28.48 30.57
C LEU A 305 9.37 28.42 31.93
N HIS A 306 8.72 29.52 32.30
CA HIS A 306 7.99 29.58 33.57
C HIS A 306 7.04 28.38 33.62
N PRO A 307 7.40 27.33 34.38
CA PRO A 307 6.72 26.06 34.64
C PRO A 307 5.22 25.95 34.44
N ASP A 308 4.69 26.79 33.54
CA ASP A 308 3.27 26.80 33.18
C ASP A 308 3.31 26.79 31.67
N CYS A 309 4.53 26.90 31.17
CA CYS A 309 4.83 26.92 29.76
C CYS A 309 5.79 25.75 29.45
N TYR A 310 5.28 24.75 28.75
CA TYR A 310 6.07 23.58 28.42
C TYR A 310 5.86 23.09 26.98
N ILE A 311 6.70 22.13 26.60
CA ILE A 311 6.66 21.51 25.28
C ILE A 311 6.63 19.99 25.45
N GLU A 312 5.50 19.39 25.10
CA GLU A 312 5.39 17.94 25.22
C GLU A 312 5.41 17.22 23.88
N LEU A 313 6.15 16.12 23.85
CA LEU A 313 6.31 15.27 22.66
C LEU A 313 5.65 13.93 22.92
N VAL A 314 4.92 13.43 21.92
CA VAL A 314 4.30 12.12 22.05
C VAL A 314 4.60 11.28 20.80
N ILE A 315 5.59 10.40 20.94
CA ILE A 315 6.03 9.56 19.85
C ILE A 315 5.34 8.22 19.80
N GLU A 316 4.64 7.98 18.69
CA GLU A 316 3.88 6.74 18.44
C GLU A 316 4.43 5.94 17.23
N ASP A 317 4.87 4.70 17.45
CA ASP A 317 5.35 3.88 16.33
C ASP A 317 4.15 3.44 15.46
N SER A 318 4.24 3.64 14.15
CA SER A 318 3.16 3.25 13.25
C SER A 318 3.42 1.87 12.63
N TYR A 319 4.60 1.67 12.06
CA TYR A 319 4.93 0.37 11.48
C TYR A 319 6.44 0.19 11.26
N TYR A 320 6.85 -1.05 11.05
CA TYR A 320 8.26 -1.35 10.84
C TYR A 320 8.54 -1.92 9.45
N ASN A 321 9.84 -1.94 9.13
CA ASN A 321 10.38 -2.46 7.87
C ASN A 321 10.36 -3.98 7.93
N MSE A 322 9.76 -4.66 6.95
CA MSE A 322 9.69 -6.13 6.96
C MSE A 322 10.99 -6.85 6.66
O MSE A 322 11.16 -7.98 7.09
CB MSE A 322 8.71 -6.70 5.92
CG MSE A 322 7.88 -5.74 5.20
SE MSE A 322 7.15 -6.73 3.66
CE MSE A 322 7.02 -5.27 2.43
N ARG A 323 11.87 -6.20 5.89
CA ARG A 323 13.13 -6.80 5.46
C ARG A 323 13.58 -7.98 6.30
N GLU A 324 13.81 -7.73 7.59
CA GLU A 324 14.24 -8.74 8.55
C GLU A 324 13.34 -9.99 8.54
N LYS A 325 12.03 -9.74 8.66
CA LYS A 325 11.03 -10.80 8.70
C LYS A 325 10.95 -11.64 7.43
N VAL A 326 11.17 -10.97 6.29
CA VAL A 326 11.13 -11.63 5.01
C VAL A 326 12.44 -12.40 4.75
N VAL A 327 13.55 -11.68 4.67
CA VAL A 327 14.85 -12.27 4.38
C VAL A 327 15.19 -13.44 5.30
N GLU A 328 14.59 -13.43 6.48
CA GLU A 328 14.79 -14.46 7.48
C GLU A 328 14.52 -15.86 6.87
N HIS A 329 13.68 -15.92 5.84
CA HIS A 329 13.32 -17.17 5.13
C HIS A 329 13.59 -17.00 3.62
N PRO A 330 14.77 -17.40 3.15
CA PRO A 330 15.18 -17.30 1.74
C PRO A 330 14.24 -17.76 0.63
N HIS A 331 13.57 -18.88 0.82
CA HIS A 331 12.66 -19.36 -0.21
C HIS A 331 11.62 -18.34 -0.67
N ILE A 332 11.15 -17.49 0.24
CA ILE A 332 10.11 -16.52 -0.13
C ILE A 332 10.45 -15.66 -1.32
N LEU A 333 11.60 -15.01 -1.27
CA LEU A 333 12.02 -14.15 -2.38
C LEU A 333 12.69 -14.98 -3.47
N ASP A 334 13.29 -16.10 -3.09
CA ASP A 334 13.96 -16.95 -4.06
C ASP A 334 12.93 -17.51 -5.02
N ILE A 335 11.83 -18.05 -4.48
CA ILE A 335 10.78 -18.58 -5.33
C ILE A 335 10.18 -17.49 -6.21
N ALA A 336 9.92 -16.34 -5.62
CA ALA A 336 9.30 -15.25 -6.39
C ALA A 336 10.21 -14.82 -7.52
N GLN A 337 11.51 -14.74 -7.24
CA GLN A 337 12.46 -14.33 -8.27
C GLN A 337 12.60 -15.39 -9.38
N GLN A 338 12.77 -16.65 -8.97
CA GLN A 338 12.89 -17.76 -9.93
C GLN A 338 11.62 -17.78 -10.83
N ALA A 339 10.46 -17.56 -10.20
CA ALA A 339 9.17 -17.53 -10.90
C ALA A 339 9.14 -16.47 -11.98
N MSE A 340 9.68 -15.30 -11.68
CA MSE A 340 9.70 -14.21 -12.64
C MSE A 340 10.67 -14.51 -13.80
O MSE A 340 10.43 -14.15 -14.97
CB MSE A 340 10.10 -12.91 -11.95
CG MSE A 340 9.08 -12.39 -10.96
SE MSE A 340 9.43 -10.57 -10.28
CE MSE A 340 10.51 -11.12 -8.79
N ARG A 341 11.78 -15.15 -13.48
CA ARG A 341 12.75 -15.50 -14.52
C ARG A 341 12.13 -16.60 -15.38
N ASP A 342 11.49 -17.57 -14.74
CA ASP A 342 10.87 -18.61 -15.52
C ASP A 342 9.86 -17.97 -16.46
N CYS A 343 9.28 -16.85 -16.05
CA CYS A 343 8.32 -16.15 -16.92
C CYS A 343 8.97 -15.06 -17.80
N HIS A 344 10.30 -15.10 -17.91
CA HIS A 344 11.04 -14.13 -18.73
C HIS A 344 10.77 -12.71 -18.31
N ILE A 345 10.96 -12.45 -17.03
CA ILE A 345 10.72 -11.12 -16.43
C ILE A 345 11.98 -10.78 -15.62
N THR A 346 12.44 -9.54 -15.65
CA THR A 346 13.61 -9.20 -14.83
C THR A 346 13.07 -8.65 -13.50
N PRO A 347 13.38 -9.32 -12.39
CA PRO A 347 12.91 -8.88 -11.07
C PRO A 347 13.50 -7.51 -10.72
N GLU A 348 12.63 -6.54 -10.45
CA GLU A 348 13.07 -5.20 -10.05
C GLU A 348 12.70 -5.04 -8.56
N MSE A 349 13.72 -4.83 -7.73
CA MSE A 349 13.50 -4.69 -6.29
C MSE A 349 13.88 -3.37 -5.69
O MSE A 349 15.03 -3.13 -5.35
CB MSE A 349 14.21 -5.83 -5.57
CG MSE A 349 13.43 -7.11 -5.69
SE MSE A 349 14.55 -8.63 -5.73
CE MSE A 349 14.44 -9.21 -3.89
N LYS A 350 12.88 -2.50 -5.56
CA LYS A 350 13.01 -1.16 -5.00
C LYS A 350 12.38 -1.13 -3.61
N PRO A 351 12.92 -0.28 -2.71
CA PRO A 351 12.37 -0.18 -1.34
C PRO A 351 11.08 0.66 -1.37
N ILE A 352 10.15 0.31 -0.48
CA ILE A 352 8.90 1.03 -0.40
C ILE A 352 9.03 2.23 0.56
N ARG A 353 8.95 3.44 0.01
CA ARG A 353 9.04 4.67 0.81
C ARG A 353 7.66 4.89 1.42
N GLY A 354 7.31 4.04 2.36
CA GLY A 354 6.01 4.08 3.00
C GLY A 354 5.81 2.66 3.53
N GLY A 355 4.56 2.26 3.71
CA GLY A 355 4.34 0.92 4.23
C GLY A 355 3.32 0.14 3.43
N THR A 356 3.07 -1.08 3.86
CA THR A 356 2.09 -1.91 3.19
C THR A 356 1.50 -2.84 4.24
N ASP A 357 0.32 -3.36 3.94
CA ASP A 357 -0.32 -4.28 4.86
C ASP A 357 0.57 -5.49 5.02
N GLY A 358 1.34 -5.79 3.97
CA GLY A 358 2.26 -6.91 4.03
C GLY A 358 3.29 -6.70 5.13
N ALA A 359 3.76 -5.47 5.29
CA ALA A 359 4.73 -5.17 6.36
C ALA A 359 4.07 -5.32 7.74
N GLN A 360 2.78 -5.03 7.84
CA GLN A 360 2.12 -5.22 9.14
C GLN A 360 1.95 -6.71 9.41
N LEU A 361 1.46 -7.43 8.42
CA LEU A 361 1.30 -8.87 8.56
C LEU A 361 2.62 -9.57 8.83
N SER A 362 3.73 -9.04 8.29
CA SER A 362 5.03 -9.70 8.46
C SER A 362 5.45 -9.76 9.92
N PHE A 363 4.87 -8.86 10.72
CA PHE A 363 5.15 -8.82 12.14
C PHE A 363 4.08 -9.56 12.93
N MSE A 364 3.00 -9.97 12.27
CA MSE A 364 1.91 -10.70 12.91
C MSE A 364 2.02 -12.21 12.65
O MSE A 364 1.06 -12.93 12.87
CB MSE A 364 0.56 -10.22 12.41
CG MSE A 364 0.26 -8.77 12.70
SE MSE A 364 -1.43 -8.28 11.87
CE MSE A 364 -0.92 -6.69 10.94
N GLY A 365 3.18 -12.66 12.16
CA GLY A 365 3.37 -14.08 11.88
C GLY A 365 3.20 -14.53 10.44
N LEU A 366 3.13 -13.60 9.50
CA LEU A 366 2.99 -13.94 8.10
C LEU A 366 3.92 -13.12 7.22
N PRO A 367 5.19 -13.55 7.06
CA PRO A 367 6.14 -12.79 6.21
C PRO A 367 5.43 -12.54 4.88
N CYS A 368 5.42 -11.30 4.43
CA CYS A 368 4.61 -11.05 3.26
C CYS A 368 5.03 -9.91 2.34
N PRO A 369 5.93 -10.20 1.40
CA PRO A 369 6.44 -9.23 0.43
C PRO A 369 5.32 -8.81 -0.56
N ASN A 370 5.64 -7.84 -1.42
CA ASN A 370 4.68 -7.32 -2.38
C ASN A 370 5.04 -7.75 -3.81
N LEU A 371 4.04 -8.20 -4.57
CA LEU A 371 4.15 -8.67 -5.96
C LEU A 371 3.61 -7.60 -6.87
N PHE A 372 4.13 -7.47 -8.09
CA PHE A 372 3.64 -6.44 -8.99
C PHE A 372 2.22 -6.72 -9.53
N THR A 373 1.61 -5.69 -10.13
CA THR A 373 0.27 -5.78 -10.66
C THR A 373 0.19 -5.35 -12.13
N GLY A 374 1.16 -4.52 -12.53
CA GLY A 374 1.18 -4.02 -13.88
C GLY A 374 0.48 -2.66 -13.99
N GLY A 375 0.01 -2.11 -12.87
CA GLY A 375 -0.66 -0.81 -12.91
C GLY A 375 0.27 0.35 -12.61
N TYR A 376 -0.08 1.57 -13.04
CA TYR A 376 0.78 2.74 -12.76
C TYR A 376 -0.04 3.97 -12.35
N ASN A 377 0.66 4.96 -11.78
CA ASN A 377 0.06 6.23 -11.37
C ASN A 377 -1.17 5.99 -10.50
N TYR A 378 -0.95 5.19 -9.45
CA TYR A 378 -1.94 4.74 -8.48
C TYR A 378 -3.14 5.55 -7.97
N HIS A 379 -2.94 6.78 -7.49
CA HIS A 379 -4.10 7.49 -6.91
C HIS A 379 -4.81 8.60 -7.66
N GLY A 380 -4.56 8.76 -8.95
CA GLY A 380 -5.22 9.84 -9.67
C GLY A 380 -5.93 9.43 -10.92
N LYS A 381 -6.38 10.44 -11.68
CA LYS A 381 -7.09 10.20 -12.92
C LYS A 381 -6.14 9.73 -14.03
N HIS A 382 -4.84 9.79 -13.76
CA HIS A 382 -3.82 9.38 -14.72
C HIS A 382 -3.40 7.93 -14.46
N GLU A 383 -4.19 7.23 -13.63
CA GLU A 383 -3.89 5.83 -13.31
C GLU A 383 -4.21 4.97 -14.52
N PHE A 384 -3.33 4.04 -14.85
CA PHE A 384 -3.60 3.16 -15.97
C PHE A 384 -2.91 1.81 -15.76
N VAL A 385 -3.26 0.86 -16.61
CA VAL A 385 -2.70 -0.48 -16.55
C VAL A 385 -2.59 -1.05 -17.97
N THR A 386 -1.86 -2.16 -18.13
CA THR A 386 -1.77 -2.81 -19.44
C THR A 386 -2.14 -4.28 -19.22
N LEU A 387 -2.95 -4.82 -20.13
CA LEU A 387 -3.38 -6.20 -20.05
C LEU A 387 -2.21 -7.20 -19.96
N GLU A 388 -1.13 -6.97 -20.72
CA GLU A 388 0.04 -7.86 -20.71
C GLU A 388 0.68 -7.92 -19.33
N GLY A 389 0.77 -6.76 -18.67
CA GLY A 389 1.36 -6.73 -17.35
C GLY A 389 0.49 -7.51 -16.38
N MSE A 390 -0.83 -7.38 -16.54
CA MSE A 390 -1.78 -8.10 -15.69
C MSE A 390 -1.66 -9.62 -15.95
O MSE A 390 -1.70 -10.42 -14.99
CB MSE A 390 -3.21 -7.63 -15.95
CG MSE A 390 -3.47 -6.22 -15.38
SE MSE A 390 -5.37 -5.71 -15.32
CE MSE A 390 -5.94 -6.93 -13.94
N GLU A 391 -1.50 -10.00 -17.22
CA GLU A 391 -1.35 -11.42 -17.55
C GLU A 391 -0.03 -11.96 -16.99
N LYS A 392 1.01 -11.13 -16.94
CA LYS A 392 2.26 -11.57 -16.36
C LYS A 392 2.11 -11.76 -14.85
N ALA A 393 1.34 -10.90 -14.18
CA ALA A 393 1.15 -11.06 -12.74
C ALA A 393 0.53 -12.44 -12.51
N VAL A 394 -0.47 -12.76 -13.33
CA VAL A 394 -1.13 -14.06 -13.25
C VAL A 394 -0.07 -15.14 -13.42
N GLN A 395 0.71 -15.05 -14.50
CA GLN A 395 1.76 -16.04 -14.77
C GLN A 395 2.70 -16.24 -13.59
N VAL A 396 3.08 -15.14 -12.97
CA VAL A 396 3.98 -15.24 -11.84
C VAL A 396 3.37 -15.92 -10.63
N ILE A 397 2.13 -15.58 -10.33
CA ILE A 397 1.44 -16.15 -9.19
C ILE A 397 1.38 -17.67 -9.38
N VAL A 398 0.93 -18.07 -10.56
CA VAL A 398 0.77 -19.47 -10.93
C VAL A 398 2.13 -20.21 -10.83
N ARG A 399 3.20 -19.59 -11.33
CA ARG A 399 4.54 -20.18 -11.29
C ARG A 399 5.01 -20.33 -9.86
N ILE A 400 4.79 -19.30 -9.05
CA ILE A 400 5.20 -19.34 -7.64
C ILE A 400 4.50 -20.49 -6.95
N ALA A 401 3.22 -20.71 -7.26
CA ALA A 401 2.51 -21.81 -6.63
C ALA A 401 3.07 -23.19 -7.12
N GLU A 402 3.39 -23.26 -8.40
CA GLU A 402 3.96 -24.48 -8.96
C GLU A 402 5.34 -24.73 -8.34
N LEU A 403 6.19 -23.71 -8.35
CA LEU A 403 7.54 -23.86 -7.80
C LEU A 403 7.53 -24.27 -6.35
N THR A 404 6.60 -23.72 -5.58
CA THR A 404 6.47 -24.03 -4.16
C THR A 404 6.14 -25.51 -3.97
N ALA A 405 5.23 -26.05 -4.77
CA ALA A 405 4.90 -27.46 -4.64
C ALA A 405 6.08 -28.31 -5.11
N LYS A 406 6.78 -27.85 -6.14
CA LYS A 406 7.94 -28.58 -6.64
C LYS A 406 8.93 -28.84 -5.51
N ARG A 407 9.22 -27.82 -4.71
CA ARG A 407 10.17 -27.97 -3.62
C ARG A 407 9.52 -28.60 -2.36
N GLY A 408 8.26 -28.98 -2.45
CA GLY A 408 7.59 -29.57 -1.29
C GLY A 408 7.17 -31.03 -1.47
ZN ZN B . -2.96 -0.85 -3.04
ZN ZN C . -2.93 2.53 -2.91
S SO4 D . 2.78 6.23 4.90
O1 SO4 D . 2.19 7.06 3.83
O2 SO4 D . 2.86 4.83 4.44
O3 SO4 D . 4.14 6.77 5.20
O4 SO4 D . 1.94 6.29 6.11
S SO4 E . -10.39 -12.15 -20.81
O1 SO4 E . -10.53 -11.64 -22.18
O2 SO4 E . -10.35 -13.64 -20.88
O3 SO4 E . -9.12 -11.64 -20.21
O4 SO4 E . -11.55 -11.69 -19.99
#